data_4JND
#
_entry.id   4JND
#
_cell.length_a   81.399
_cell.length_b   160.093
_cell.length_c   77.422
_cell.angle_alpha   90.00
_cell.angle_beta   90.00
_cell.angle_gamma   90.00
#
_symmetry.space_group_name_H-M   'C 2 2 21'
#
loop_
_entity.id
_entity.type
_entity.pdbx_description
1 polymer 'Ca(2+)/calmodulin-dependent protein kinase phosphatase'
2 non-polymer 'MAGNESIUM ION'
3 water water
#
_entity_poly.entity_id   1
_entity_poly.type   'polypeptide(L)'
_entity_poly.pdbx_seq_one_letter_code
;GPLGSMEKVNEERDAVFEDHIGDRRRSVRSLLEEAFADEMEKTSYDVEVADTPQPHIPIRFRHPPIAGPVHDVFGDAIHD
IFQKMMKRGQAVDFCHWVSHLIATEIDEKFSEVAFRDVQYNPDIYVTDSTTEAKKLFNDKIWPAIDKILQQNAETCPILS
EKWSGIHVSGDQLKGQRHKQEDRFLAYPNGQYMDRGEDPISVLAVFDGHGGHECSQYAAGHLWETWLEVRKSRDPSDSLE
DQLRKSLELLDERMTVRSVKECWKGGSTAVCCAIDMDQKLMALAWLGDSPGYVMSNIEFRQLTRGHSPSDEREARRVEEA
GGQLFVIGGELRVNGVLNLTRALGDVPGRPMISNEPETCQVPIESSDYLVLLACDGISDVFNERDLYQLVEAFANDYPVE
DYAELSRFICTKAIEAGSADNVSVVIGFLRPPQDVWKLMKHESDDEDSDVTDEE
;
_entity_poly.pdbx_strand_id   A
#
loop_
_chem_comp.id
_chem_comp.type
_chem_comp.name
_chem_comp.formula
MG non-polymer 'MAGNESIUM ION' 'Mg 2'
#
# COMPACT_ATOMS: atom_id res chain seq x y z
N GLU A 18 4.06 -25.80 -5.11
CA GLU A 18 4.34 -27.16 -4.65
C GLU A 18 3.93 -27.34 -3.19
N ASP A 19 4.71 -26.79 -2.28
CA ASP A 19 4.37 -26.80 -0.86
C ASP A 19 3.60 -25.54 -0.51
N HIS A 20 3.12 -24.85 -1.55
CA HIS A 20 2.44 -23.56 -1.37
C HIS A 20 0.92 -23.67 -1.52
N ILE A 21 0.21 -22.59 -1.23
CA ILE A 21 -1.24 -22.56 -1.40
C ILE A 21 -1.71 -21.34 -2.19
N GLY A 22 -2.89 -21.45 -2.79
CA GLY A 22 -3.40 -20.40 -3.64
C GLY A 22 -2.46 -20.06 -4.78
N ASP A 23 -2.41 -18.78 -5.14
CA ASP A 23 -1.63 -18.38 -6.30
C ASP A 23 -0.12 -18.53 -6.06
N ARG A 24 0.29 -18.75 -4.81
CA ARG A 24 1.69 -18.94 -4.49
C ARG A 24 2.20 -20.25 -5.09
N ARG A 25 1.27 -21.12 -5.47
CA ARG A 25 1.63 -22.38 -6.12
C ARG A 25 2.00 -22.17 -7.59
N ARG A 26 1.66 -21.01 -8.14
CA ARG A 26 1.67 -20.87 -9.59
C ARG A 26 2.93 -20.24 -10.18
N SER A 27 3.26 -20.64 -11.40
CA SER A 27 4.42 -20.10 -12.10
C SER A 27 4.13 -18.71 -12.62
N VAL A 28 5.20 -17.96 -12.87
CA VAL A 28 5.09 -16.66 -13.51
C VAL A 28 4.28 -16.74 -14.80
N ARG A 29 4.58 -17.73 -15.66
CA ARG A 29 3.86 -17.85 -16.92
C ARG A 29 2.37 -18.04 -16.69
N SER A 30 2.03 -18.92 -15.75
CA SER A 30 0.63 -19.21 -15.45
C SER A 30 -0.14 -17.94 -15.08
N LEU A 31 0.47 -17.14 -14.22
CA LEU A 31 -0.13 -15.90 -13.75
C LEU A 31 -0.25 -14.85 -14.85
N LEU A 32 0.79 -14.71 -15.66
CA LEU A 32 0.75 -13.75 -16.76
C LEU A 32 -0.25 -14.15 -17.83
N GLU A 33 -0.30 -15.44 -18.16
CA GLU A 33 -1.18 -15.89 -19.22
C GLU A 33 -2.64 -15.73 -18.82
N GLU A 34 -2.92 -15.84 -17.53
CA GLU A 34 -4.28 -15.54 -17.06
C GLU A 34 -4.57 -14.03 -17.09
N ALA A 35 -3.64 -13.23 -16.55
CA ALA A 35 -3.83 -11.78 -16.49
C ALA A 35 -4.02 -11.18 -17.87
N PHE A 36 -3.29 -11.70 -18.86
CA PHE A 36 -3.31 -11.14 -20.21
C PHE A 36 -3.93 -12.08 -21.22
N ALA A 37 -4.92 -12.85 -20.78
CA ALA A 37 -5.57 -13.83 -21.64
C ALA A 37 -6.17 -13.21 -22.90
N ASP A 38 -6.80 -12.05 -22.77
CA ASP A 38 -7.41 -11.40 -23.93
C ASP A 38 -6.37 -10.99 -24.95
N GLU A 39 -5.26 -10.41 -24.49
CA GLU A 39 -4.20 -10.02 -25.40
C GLU A 39 -3.55 -11.21 -26.10
N MET A 40 -3.38 -12.32 -25.39
CA MET A 40 -2.82 -13.51 -26.03
C MET A 40 -3.76 -14.07 -27.11
N GLU A 41 -5.06 -14.02 -26.84
CA GLU A 41 -6.05 -14.44 -27.82
C GLU A 41 -5.98 -13.55 -29.07
N LYS A 42 -5.90 -12.24 -28.89
CA LYS A 42 -5.78 -11.34 -30.04
C LYS A 42 -4.57 -11.71 -30.87
N THR A 43 -3.46 -11.99 -30.20
CA THR A 43 -2.23 -12.35 -30.90
C THR A 43 -2.45 -13.60 -31.76
N SER A 44 -3.09 -14.59 -31.15
CA SER A 44 -3.38 -15.86 -31.81
C SER A 44 -4.24 -15.70 -33.07
N TYR A 45 -5.14 -14.71 -33.03
CA TYR A 45 -5.97 -14.37 -34.17
C TYR A 45 -5.30 -13.38 -35.13
N ASP A 46 -4.02 -13.13 -34.91
CA ASP A 46 -3.17 -12.40 -35.85
C ASP A 46 -3.53 -10.91 -35.89
N VAL A 47 -3.99 -10.39 -34.76
CA VAL A 47 -4.23 -8.96 -34.63
C VAL A 47 -2.93 -8.24 -34.27
N GLU A 48 -2.74 -7.05 -34.82
CA GLU A 48 -1.60 -6.21 -34.47
C GLU A 48 -1.87 -5.45 -33.18
N VAL A 49 -2.72 -6.03 -32.33
CA VAL A 49 -3.10 -5.47 -31.02
C VAL A 49 -2.74 -4.00 -30.85
N ILE A 66 0.58 19.45 -13.89
CA ILE A 66 0.56 18.68 -15.13
C ILE A 66 1.69 17.66 -15.19
N ALA A 67 2.80 18.04 -15.82
CA ALA A 67 3.94 17.14 -15.97
C ALA A 67 4.70 16.94 -14.66
N GLY A 68 4.89 15.67 -14.26
CA GLY A 68 5.64 15.37 -13.05
C GLY A 68 7.15 15.49 -13.27
N PRO A 69 7.92 15.45 -12.17
CA PRO A 69 9.38 15.53 -12.24
C PRO A 69 9.97 14.18 -12.66
N VAL A 70 11.13 14.23 -13.29
CA VAL A 70 11.83 13.01 -13.72
C VAL A 70 12.05 12.01 -12.59
N HIS A 71 12.34 12.51 -11.40
CA HIS A 71 12.66 11.63 -10.27
C HIS A 71 11.44 10.84 -9.78
N ASP A 72 10.24 11.23 -10.22
CA ASP A 72 9.02 10.51 -9.83
C ASP A 72 8.48 9.57 -10.90
N VAL A 73 9.01 9.65 -12.11
CA VAL A 73 8.43 8.93 -13.23
C VAL A 73 8.34 7.42 -13.00
N PHE A 74 9.40 6.83 -12.48
CA PHE A 74 9.43 5.36 -12.39
C PHE A 74 8.41 4.84 -11.38
N GLY A 75 8.39 5.44 -10.19
CA GLY A 75 7.42 5.05 -9.17
C GLY A 75 6.00 5.37 -9.59
N ASP A 76 5.80 6.54 -10.21
CA ASP A 76 4.49 6.89 -10.78
C ASP A 76 4.02 5.78 -11.75
N ALA A 77 4.92 5.32 -12.62
CA ALA A 77 4.60 4.31 -13.64
C ALA A 77 4.21 2.99 -12.99
N ILE A 78 5.00 2.59 -12.01
CA ILE A 78 4.72 1.34 -11.29
C ILE A 78 3.33 1.41 -10.66
N HIS A 79 2.97 2.52 -10.03
CA HIS A 79 1.66 2.56 -9.41
C HIS A 79 0.53 2.48 -10.44
N ASP A 80 0.71 3.16 -11.56
CA ASP A 80 -0.28 3.10 -12.65
CA ASP A 80 -0.30 3.11 -12.62
C ASP A 80 -0.44 1.69 -13.16
N ILE A 81 0.68 0.99 -13.35
CA ILE A 81 0.63 -0.39 -13.81
C ILE A 81 -0.04 -1.28 -12.76
N PHE A 82 0.28 -1.04 -11.49
CA PHE A 82 -0.29 -1.82 -10.39
C PHE A 82 -1.81 -1.73 -10.40
N GLN A 83 -2.33 -0.51 -10.58
CA GLN A 83 -3.78 -0.34 -10.62
C GLN A 83 -4.40 -1.09 -11.80
N LYS A 84 -3.71 -1.10 -12.93
CA LYS A 84 -4.18 -1.86 -14.08
C LYS A 84 -4.12 -3.36 -13.83
N MET A 85 -3.10 -3.82 -13.11
CA MET A 85 -2.96 -5.26 -12.84
C MET A 85 -4.01 -5.76 -11.86
N MET A 86 -4.36 -4.92 -10.89
CA MET A 86 -5.40 -5.29 -9.94
C MET A 86 -6.77 -5.43 -10.66
N LYS A 87 -6.98 -4.63 -11.69
CA LYS A 87 -8.19 -4.74 -12.49
C LYS A 87 -8.25 -6.01 -13.35
N ARG A 88 -7.08 -6.62 -13.56
CA ARG A 88 -6.98 -7.88 -14.29
C ARG A 88 -7.12 -9.09 -13.37
N GLY A 89 -7.50 -8.83 -12.12
CA GLY A 89 -7.86 -9.89 -11.18
C GLY A 89 -6.77 -10.70 -10.52
N GLN A 90 -5.57 -10.13 -10.40
CA GLN A 90 -4.46 -10.83 -9.74
C GLN A 90 -4.34 -10.43 -8.24
N ALA A 91 -3.65 -11.26 -7.46
CA ALA A 91 -3.45 -10.97 -6.03
C ALA A 91 -2.53 -9.75 -5.86
N VAL A 92 -2.70 -9.03 -4.76
CA VAL A 92 -1.96 -7.79 -4.55
C VAL A 92 -0.45 -7.99 -4.62
N ASP A 93 0.04 -9.09 -4.08
CA ASP A 93 1.50 -9.29 -4.05
C ASP A 93 2.06 -9.53 -5.45
N PHE A 94 1.39 -10.36 -6.24
CA PHE A 94 1.80 -10.53 -7.63
C PHE A 94 1.72 -9.20 -8.39
N CYS A 95 0.68 -8.43 -8.11
CA CYS A 95 0.55 -7.12 -8.79
C CYS A 95 1.74 -6.19 -8.49
N HIS A 96 2.17 -6.15 -7.23
CA HIS A 96 3.37 -5.39 -6.86
C HIS A 96 4.59 -5.88 -7.65
N TRP A 97 4.80 -7.18 -7.66
CA TRP A 97 5.99 -7.75 -8.29
C TRP A 97 5.96 -7.46 -9.79
N VAL A 98 4.85 -7.78 -10.42
CA VAL A 98 4.75 -7.67 -11.87
C VAL A 98 4.78 -6.20 -12.32
N SER A 99 4.29 -5.30 -11.47
CA SER A 99 4.31 -3.90 -11.87
C SER A 99 5.74 -3.37 -11.92
N HIS A 100 6.57 -3.79 -10.97
CA HIS A 100 7.98 -3.41 -11.03
C HIS A 100 8.67 -4.09 -12.24
N LEU A 101 8.35 -5.36 -12.48
CA LEU A 101 8.89 -6.05 -13.66
C LEU A 101 8.57 -5.31 -14.97
N ILE A 102 7.29 -5.00 -15.17
CA ILE A 102 6.85 -4.34 -16.39
C ILE A 102 7.50 -2.97 -16.53
N ALA A 103 7.48 -2.18 -15.46
CA ALA A 103 8.10 -0.86 -15.56
C ALA A 103 9.59 -0.99 -15.88
N THR A 104 10.26 -1.95 -15.25
CA THR A 104 11.68 -2.18 -15.53
C THR A 104 11.90 -2.56 -17.00
N GLU A 105 11.08 -3.47 -17.51
CA GLU A 105 11.23 -3.91 -18.89
C GLU A 105 10.99 -2.78 -19.88
N ILE A 106 9.99 -1.97 -19.60
CA ILE A 106 9.69 -0.84 -20.45
C ILE A 106 10.85 0.16 -20.42
N ASP A 107 11.37 0.44 -19.23
CA ASP A 107 12.47 1.39 -19.07
C ASP A 107 13.72 0.89 -19.81
N GLU A 108 14.03 -0.39 -19.65
CA GLU A 108 15.20 -0.99 -20.32
C GLU A 108 15.09 -1.05 -21.85
N LYS A 109 13.92 -1.46 -22.36
CA LYS A 109 13.77 -1.73 -23.79
C LYS A 109 13.27 -0.58 -24.65
N PHE A 110 12.51 0.34 -24.07
CA PHE A 110 11.80 1.33 -24.86
C PHE A 110 12.12 2.78 -24.52
N SER A 111 12.64 3.02 -23.32
CA SER A 111 12.90 4.39 -22.87
C SER A 111 14.33 4.83 -23.16
N GLU A 112 14.47 6.05 -23.67
CA GLU A 112 15.79 6.62 -23.94
C GLU A 112 16.48 6.95 -22.63
N VAL A 113 15.67 7.24 -21.61
CA VAL A 113 16.19 7.64 -20.31
C VAL A 113 15.98 6.51 -19.28
N ALA A 114 16.99 6.22 -18.49
CA ALA A 114 16.87 5.20 -17.45
C ALA A 114 16.24 5.80 -16.19
N PHE A 115 14.92 5.93 -16.20
CA PHE A 115 14.23 6.52 -15.05
C PHE A 115 14.42 5.74 -13.76
N ARG A 116 14.65 4.44 -13.87
CA ARG A 116 14.84 3.58 -12.71
C ARG A 116 16.14 3.88 -11.98
N ASP A 117 17.06 4.58 -12.63
CA ASP A 117 18.34 4.89 -12.01
C ASP A 117 18.44 6.33 -11.51
N VAL A 118 17.37 7.11 -11.71
CA VAL A 118 17.36 8.48 -11.21
C VAL A 118 17.12 8.51 -9.70
N GLN A 119 18.01 9.18 -8.98
CA GLN A 119 17.87 9.31 -7.54
C GLN A 119 17.26 10.65 -7.18
N TYR A 120 16.42 10.67 -6.16
CA TYR A 120 15.83 11.92 -5.72
C TYR A 120 16.90 12.83 -5.13
N ASN A 121 16.89 14.09 -5.53
CA ASN A 121 17.81 15.08 -5.01
C ASN A 121 17.03 16.33 -4.65
N PRO A 122 17.03 16.69 -3.36
CA PRO A 122 16.11 17.75 -2.91
C PRO A 122 16.27 19.08 -3.64
N ASP A 123 17.41 19.33 -4.28
CA ASP A 123 17.56 20.59 -5.00
C ASP A 123 17.42 20.47 -6.52
N ILE A 124 16.92 19.32 -6.98
CA ILE A 124 16.70 19.11 -8.41
C ILE A 124 15.24 18.75 -8.68
N TYR A 125 14.63 19.41 -9.66
CA TYR A 125 13.25 19.13 -10.05
C TYR A 125 13.12 19.40 -11.53
N VAL A 126 13.22 18.34 -12.34
CA VAL A 126 13.19 18.46 -13.80
C VAL A 126 11.92 17.84 -14.35
N THR A 127 11.23 18.56 -15.24
CA THR A 127 9.98 18.04 -15.80
C THR A 127 10.09 17.77 -17.30
N ASP A 128 11.30 17.89 -17.83
CA ASP A 128 11.55 17.71 -19.26
C ASP A 128 11.06 16.36 -19.80
N SER A 129 10.06 16.41 -20.68
CA SER A 129 9.59 15.24 -21.43
C SER A 129 9.06 14.08 -20.58
N THR A 130 8.60 14.38 -19.37
CA THR A 130 8.00 13.32 -18.56
C THR A 130 6.59 12.99 -19.05
N THR A 131 5.96 13.91 -19.78
CA THR A 131 4.64 13.65 -20.34
C THR A 131 4.71 12.52 -21.37
N GLU A 132 5.72 12.59 -22.23
CA GLU A 132 5.98 11.52 -23.20
C GLU A 132 6.29 10.21 -22.48
N ALA A 133 7.13 10.30 -21.46
CA ALA A 133 7.51 9.13 -20.65
C ALA A 133 6.30 8.43 -20.05
N LYS A 134 5.39 9.20 -19.46
CA LYS A 134 4.23 8.61 -18.82
C LYS A 134 3.38 7.85 -19.84
N LYS A 135 3.26 8.39 -21.03
CA LYS A 135 2.51 7.75 -22.10
C LYS A 135 3.20 6.43 -22.50
N LEU A 136 4.53 6.44 -22.49
CA LEU A 136 5.28 5.25 -22.84
C LEU A 136 4.97 4.12 -21.86
N PHE A 137 5.04 4.43 -20.58
CA PHE A 137 4.82 3.42 -19.53
C PHE A 137 3.40 2.89 -19.55
N ASN A 138 2.51 3.65 -20.18
CA ASN A 138 1.15 3.18 -20.40
C ASN A 138 1.07 2.29 -21.64
N ASP A 139 1.59 2.79 -22.76
CA ASP A 139 1.44 2.11 -24.05
C ASP A 139 2.19 0.79 -24.14
N LYS A 140 3.29 0.65 -23.41
CA LYS A 140 4.18 -0.50 -23.62
C LYS A 140 3.98 -1.65 -22.63
N ILE A 141 2.90 -1.59 -21.86
CA ILE A 141 2.62 -2.64 -20.88
C ILE A 141 2.50 -4.01 -21.56
N TRP A 142 1.59 -4.11 -22.52
CA TRP A 142 1.46 -5.38 -23.25
C TRP A 142 2.72 -5.75 -24.03
N PRO A 143 3.28 -4.82 -24.83
CA PRO A 143 4.53 -5.15 -25.51
C PRO A 143 5.61 -5.74 -24.57
N ALA A 144 5.74 -5.22 -23.35
CA ALA A 144 6.73 -5.74 -22.41
C ALA A 144 6.43 -7.19 -22.03
N ILE A 145 5.19 -7.45 -21.66
CA ILE A 145 4.76 -8.81 -21.30
C ILE A 145 4.77 -9.78 -22.50
N ASP A 146 4.32 -9.29 -23.65
CA ASP A 146 4.33 -10.04 -24.91
C ASP A 146 5.74 -10.63 -25.13
N LYS A 147 6.77 -9.79 -25.02
CA LYS A 147 8.14 -10.26 -25.28
C LYS A 147 8.59 -11.31 -24.27
N ILE A 148 8.19 -11.14 -23.01
CA ILE A 148 8.50 -12.14 -21.98
C ILE A 148 7.83 -13.47 -22.30
N LEU A 149 6.57 -13.42 -22.69
CA LEU A 149 5.83 -14.67 -22.95
C LEU A 149 6.32 -15.40 -24.21
N GLN A 150 7.03 -14.70 -25.09
CA GLN A 150 7.63 -15.31 -26.26
C GLN A 150 8.85 -16.15 -25.92
N GLN A 151 9.40 -15.95 -24.71
CA GLN A 151 10.62 -16.65 -24.33
C GLN A 151 10.35 -18.00 -23.69
N ASN A 152 11.41 -18.77 -23.45
CA ASN A 152 11.31 -20.08 -22.81
C ASN A 152 12.06 -20.08 -21.48
N ALA A 153 11.45 -20.63 -20.44
CA ALA A 153 12.05 -20.65 -19.11
C ALA A 153 13.48 -21.20 -19.09
N GLU A 154 13.82 -21.97 -20.12
CA GLU A 154 15.16 -22.55 -20.25
C GLU A 154 16.23 -21.47 -20.39
N THR A 155 15.87 -20.35 -21.02
CA THR A 155 16.81 -19.26 -21.24
C THR A 155 16.24 -17.91 -20.79
N CYS A 156 15.16 -17.95 -20.03
CA CYS A 156 14.59 -16.73 -19.49
C CYS A 156 14.39 -16.86 -18.00
N PRO A 157 15.36 -16.36 -17.22
CA PRO A 157 15.39 -16.49 -15.76
C PRO A 157 14.15 -15.94 -15.07
N ILE A 158 13.57 -14.87 -15.58
CA ILE A 158 12.42 -14.28 -14.91
C ILE A 158 11.25 -15.29 -14.80
N LEU A 159 11.14 -16.17 -15.78
CA LEU A 159 10.04 -17.12 -15.79
C LEU A 159 10.16 -18.17 -14.68
N SER A 160 11.33 -18.27 -14.06
CA SER A 160 11.55 -19.25 -13.01
C SER A 160 11.41 -18.70 -11.60
N GLU A 161 10.90 -17.48 -11.48
CA GLU A 161 10.74 -16.85 -10.18
C GLU A 161 9.92 -17.71 -9.23
N LYS A 162 10.42 -17.82 -8.00
CA LYS A 162 9.70 -18.50 -6.92
C LYS A 162 9.27 -17.44 -5.90
N TRP A 163 8.10 -17.64 -5.29
CA TRP A 163 7.50 -16.65 -4.38
C TRP A 163 7.92 -16.81 -2.91
N SER A 164 8.43 -15.73 -2.33
CA SER A 164 8.88 -15.77 -0.94
C SER A 164 7.97 -14.93 -0.04
N GLY A 165 8.26 -14.96 1.26
CA GLY A 165 7.63 -14.04 2.21
C GLY A 165 6.30 -14.51 2.77
N ILE A 166 5.83 -13.80 3.80
CA ILE A 166 4.53 -14.09 4.40
C ILE A 166 3.40 -13.91 3.39
N HIS A 167 2.28 -14.57 3.62
CA HIS A 167 1.12 -14.38 2.81
C HIS A 167 0.47 -13.06 3.21
N VAL A 168 -0.12 -12.39 2.22
CA VAL A 168 -0.82 -11.13 2.42
C VAL A 168 -2.17 -11.15 1.69
N SER A 169 -3.03 -10.20 2.07
CA SER A 169 -4.29 -10.00 1.39
C SER A 169 -4.55 -8.50 1.37
N GLY A 170 -4.99 -7.99 0.22
CA GLY A 170 -5.22 -6.57 0.12
C GLY A 170 -6.25 -6.22 -0.93
N ASP A 171 -7.15 -5.28 -0.61
CA ASP A 171 -8.08 -4.83 -1.62
C ASP A 171 -8.85 -3.62 -1.11
N GLN A 172 -9.65 -3.02 -2.00
CA GLN A 172 -10.45 -1.86 -1.60
C GLN A 172 -11.69 -1.78 -2.47
N LEU A 173 -12.68 -1.02 -2.02
CA LEU A 173 -13.88 -0.74 -2.80
C LEU A 173 -14.16 0.75 -2.71
N LYS A 174 -14.70 1.32 -3.78
CA LYS A 174 -14.99 2.75 -3.81
C LYS A 174 -16.12 3.07 -2.84
N GLY A 175 -17.11 2.20 -2.78
CA GLY A 175 -18.27 2.45 -1.96
C GLY A 175 -19.10 3.62 -2.46
N GLN A 176 -19.77 4.28 -1.53
CA GLN A 176 -20.72 5.35 -1.86
C GLN A 176 -20.03 6.69 -2.03
N ARG A 177 -19.07 6.72 -2.95
CA ARG A 177 -18.23 7.88 -3.18
C ARG A 177 -18.04 8.09 -4.67
N HIS A 178 -17.55 9.27 -5.05
CA HIS A 178 -17.40 9.63 -6.44
C HIS A 178 -16.08 9.16 -7.00
N LYS A 179 -15.07 9.10 -6.14
CA LYS A 179 -13.75 8.69 -6.55
C LYS A 179 -13.14 7.80 -5.47
N GLN A 180 -12.24 6.92 -5.87
CA GLN A 180 -11.47 6.14 -4.91
C GLN A 180 -10.25 6.96 -4.48
N GLU A 181 -10.28 7.47 -3.26
CA GLU A 181 -9.20 8.31 -2.76
C GLU A 181 -8.28 7.56 -1.78
N ASP A 182 -8.60 6.29 -1.47
CA ASP A 182 -7.75 5.43 -0.63
C ASP A 182 -6.71 4.74 -1.53
N ARG A 183 -5.53 4.49 -0.99
CA ARG A 183 -4.57 3.60 -1.66
C ARG A 183 -4.01 2.62 -0.63
N PHE A 184 -3.37 1.55 -1.09
CA PHE A 184 -2.84 0.57 -0.16
C PHE A 184 -1.63 -0.14 -0.76
N LEU A 185 -0.84 -0.74 0.11
CA LEU A 185 0.36 -1.50 -0.26
C LEU A 185 0.39 -2.75 0.58
N ALA A 186 0.80 -3.86 -0.02
CA ALA A 186 1.00 -5.08 0.76
C ALA A 186 2.18 -5.86 0.20
N TYR A 187 3.38 -5.53 0.64
CA TYR A 187 4.61 -6.22 0.20
C TYR A 187 5.04 -7.29 1.19
N PRO A 188 5.07 -8.56 0.75
CA PRO A 188 5.56 -9.58 1.68
C PRO A 188 7.01 -9.34 2.09
N ASN A 189 7.78 -8.76 1.17
CA ASN A 189 9.16 -8.36 1.43
C ASN A 189 9.69 -7.64 0.19
N GLY A 190 11.01 -7.42 0.15
CA GLY A 190 11.63 -6.67 -0.92
C GLY A 190 11.53 -7.32 -2.28
N GLN A 191 11.32 -8.63 -2.34
CA GLN A 191 11.11 -9.28 -3.64
C GLN A 191 9.98 -8.59 -4.42
N TYR A 192 9.00 -8.07 -3.69
CA TYR A 192 7.80 -7.55 -4.31
C TYR A 192 7.83 -6.04 -4.51
N MET A 193 8.87 -5.41 -3.98
CA MET A 193 9.07 -3.99 -4.15
C MET A 193 9.93 -3.71 -5.39
N ASP A 194 11.17 -4.21 -5.36
CA ASP A 194 12.10 -3.94 -6.44
C ASP A 194 12.75 -5.23 -6.89
N ARG A 195 12.10 -6.33 -6.54
CA ARG A 195 12.60 -7.66 -6.86
C ARG A 195 14.00 -7.88 -6.31
N GLY A 196 14.23 -7.31 -5.13
CA GLY A 196 15.49 -7.47 -4.41
C GLY A 196 15.39 -8.41 -3.23
N GLU A 197 16.33 -8.28 -2.28
CA GLU A 197 16.54 -9.27 -1.24
C GLU A 197 16.15 -8.85 0.19
N ASP A 198 15.60 -7.65 0.36
CA ASP A 198 15.28 -7.20 1.70
C ASP A 198 14.16 -8.06 2.29
N PRO A 199 14.34 -8.55 3.53
CA PRO A 199 13.38 -9.51 4.10
C PRO A 199 12.16 -8.92 4.83
N ILE A 200 12.11 -7.61 5.00
CA ILE A 200 11.07 -6.99 5.83
C ILE A 200 9.76 -6.82 5.04
N SER A 201 8.62 -7.20 5.64
CA SER A 201 7.34 -6.94 4.98
C SER A 201 6.93 -5.52 5.28
N VAL A 202 6.31 -4.86 4.32
CA VAL A 202 5.74 -3.54 4.57
C VAL A 202 4.32 -3.49 4.03
N LEU A 203 3.38 -3.18 4.92
CA LEU A 203 1.98 -3.01 4.55
C LEU A 203 1.59 -1.57 4.82
N ALA A 204 0.64 -1.05 4.04
CA ALA A 204 0.16 0.31 4.31
C ALA A 204 -1.23 0.58 3.77
N VAL A 205 -1.94 1.51 4.42
CA VAL A 205 -3.15 2.08 3.86
C VAL A 205 -3.02 3.60 3.94
N PHE A 206 -3.45 4.27 2.88
CA PHE A 206 -3.42 5.74 2.80
C PHE A 206 -4.81 6.20 2.44
N ASP A 207 -5.44 6.95 3.35
CA ASP A 207 -6.78 7.48 3.09
C ASP A 207 -6.71 8.96 2.68
N GLY A 208 -6.85 9.21 1.39
CA GLY A 208 -6.76 10.56 0.85
C GLY A 208 -7.99 11.39 1.18
N HIS A 209 -7.80 12.70 1.33
CA HIS A 209 -8.92 13.63 1.40
C HIS A 209 -8.60 14.82 0.52
N GLY A 210 -9.63 15.45 -0.06
CA GLY A 210 -9.41 16.59 -0.94
C GLY A 210 -8.69 16.23 -2.23
N GLY A 211 -8.85 14.98 -2.64
CA GLY A 211 -8.23 14.48 -3.86
C GLY A 211 -7.48 13.19 -3.58
N HIS A 212 -7.01 12.56 -4.65
CA HIS A 212 -6.26 11.32 -4.51
C HIS A 212 -4.76 11.54 -4.72
N GLU A 213 -4.33 12.77 -4.97
CA GLU A 213 -2.92 12.98 -5.34
C GLU A 213 -1.95 12.54 -4.24
N CYS A 214 -2.25 12.87 -2.99
CA CYS A 214 -1.35 12.52 -1.90
C CYS A 214 -1.32 11.02 -1.63
N SER A 215 -2.47 10.38 -1.62
CA SER A 215 -2.50 8.95 -1.36
C SER A 215 -1.86 8.17 -2.53
N GLN A 216 -2.11 8.63 -3.75
CA GLN A 216 -1.48 8.04 -4.93
C GLN A 216 0.03 8.21 -4.89
N TYR A 217 0.49 9.41 -4.52
CA TYR A 217 1.94 9.63 -4.38
C TYR A 217 2.56 8.71 -3.35
N ALA A 218 1.94 8.61 -2.17
CA ALA A 218 2.44 7.75 -1.12
C ALA A 218 2.56 6.30 -1.60
N ALA A 219 1.53 5.82 -2.29
CA ALA A 219 1.56 4.44 -2.79
C ALA A 219 2.61 4.27 -3.87
N GLY A 220 2.85 5.31 -4.65
CA GLY A 220 3.82 5.21 -5.73
C GLY A 220 5.27 5.26 -5.26
N HIS A 221 5.52 5.81 -4.07
CA HIS A 221 6.90 6.11 -3.68
C HIS A 221 7.39 5.64 -2.33
N LEU A 222 6.52 5.06 -1.52
CA LEU A 222 6.99 4.59 -0.22
C LEU A 222 8.07 3.53 -0.40
N TRP A 223 7.91 2.64 -1.38
CA TRP A 223 8.89 1.57 -1.50
C TRP A 223 10.28 2.17 -1.74
N GLU A 224 10.31 3.28 -2.47
CA GLU A 224 11.59 3.94 -2.76
C GLU A 224 12.24 4.51 -1.51
N THR A 225 11.46 5.21 -0.68
CA THR A 225 12.03 5.83 0.50
C THR A 225 12.35 4.78 1.56
N TRP A 226 11.54 3.72 1.61
CA TRP A 226 11.84 2.61 2.51
C TRP A 226 13.16 1.92 2.15
N LEU A 227 13.35 1.61 0.87
CA LEU A 227 14.58 0.92 0.50
C LEU A 227 15.80 1.83 0.61
N GLU A 228 15.61 3.13 0.39
CA GLU A 228 16.68 4.10 0.59
C GLU A 228 17.11 4.14 2.06
N VAL A 229 16.13 4.17 2.96
CA VAL A 229 16.43 4.14 4.38
C VAL A 229 17.12 2.83 4.81
N ARG A 230 16.62 1.71 4.30
CA ARG A 230 17.22 0.41 4.62
C ARG A 230 18.69 0.37 4.18
N LYS A 231 18.98 0.93 3.01
CA LYS A 231 20.34 0.90 2.48
C LYS A 231 21.30 1.80 3.25
N SER A 232 20.77 2.88 3.81
CA SER A 232 21.58 3.90 4.47
C SER A 232 21.52 3.86 5.99
N ARG A 233 20.84 2.85 6.53
CA ARG A 233 20.59 2.80 7.98
C ARG A 233 21.88 2.72 8.80
N ASP A 234 21.90 3.45 9.91
CA ASP A 234 22.95 3.30 10.91
C ASP A 234 22.62 2.08 11.77
N PRO A 235 23.64 1.47 12.37
CA PRO A 235 23.37 0.32 13.24
C PRO A 235 22.49 0.68 14.44
N SER A 236 22.41 1.96 14.78
CA SER A 236 21.58 2.42 15.89
C SER A 236 20.11 2.65 15.52
N ASP A 237 19.77 2.53 14.24
CA ASP A 237 18.38 2.74 13.83
C ASP A 237 17.56 1.48 14.11
N SER A 238 16.56 1.60 14.98
CA SER A 238 15.62 0.50 15.18
C SER A 238 14.71 0.36 13.96
N LEU A 239 14.00 -0.75 13.88
CA LEU A 239 12.99 -0.93 12.83
C LEU A 239 11.99 0.24 12.86
N GLU A 240 11.57 0.61 14.05
CA GLU A 240 10.68 1.72 14.25
C GLU A 240 11.25 3.03 13.67
N ASP A 241 12.53 3.28 13.92
CA ASP A 241 13.20 4.48 13.38
C ASP A 241 13.26 4.44 11.86
N GLN A 242 13.51 3.27 11.31
CA GLN A 242 13.60 3.14 9.86
C GLN A 242 12.26 3.43 9.23
N LEU A 243 11.20 2.85 9.78
CA LEU A 243 9.88 3.10 9.25
C LEU A 243 9.49 4.59 9.35
N ARG A 244 9.76 5.21 10.49
CA ARG A 244 9.49 6.63 10.67
C ARG A 244 10.25 7.47 9.64
N LYS A 245 11.53 7.19 9.48
CA LYS A 245 12.36 7.92 8.52
C LYS A 245 11.84 7.78 7.09
N SER A 246 11.33 6.59 6.72
CA SER A 246 10.84 6.39 5.37
C SER A 246 9.60 7.25 5.13
N LEU A 247 8.77 7.43 6.16
CA LEU A 247 7.61 8.30 6.02
C LEU A 247 7.98 9.78 6.02
N GLU A 248 8.94 10.16 6.85
CA GLU A 248 9.47 11.53 6.82
C GLU A 248 10.02 11.88 5.44
N LEU A 249 10.80 10.96 4.86
CA LEU A 249 11.39 11.22 3.55
C LEU A 249 10.32 11.25 2.46
N LEU A 250 9.34 10.37 2.58
CA LEU A 250 8.23 10.34 1.62
C LEU A 250 7.50 11.67 1.65
N ASP A 251 7.23 12.19 2.84
CA ASP A 251 6.52 13.46 2.91
C ASP A 251 7.37 14.60 2.36
N GLU A 252 8.69 14.52 2.53
CA GLU A 252 9.56 15.56 1.98
C GLU A 252 9.43 15.63 0.46
N ARG A 253 9.52 14.48 -0.20
CA ARG A 253 9.36 14.38 -1.65
C ARG A 253 7.97 14.79 -2.10
N MET A 254 6.96 14.37 -1.34
CA MET A 254 5.58 14.69 -1.68
C MET A 254 5.35 16.19 -1.58
N THR A 255 5.92 16.80 -0.54
CA THR A 255 5.74 18.22 -0.28
C THR A 255 6.23 19.07 -1.45
N VAL A 256 7.40 18.71 -1.99
CA VAL A 256 7.95 19.48 -3.11
C VAL A 256 6.98 19.48 -4.29
N ARG A 257 6.45 18.32 -4.62
CA ARG A 257 5.56 18.21 -5.76
C ARG A 257 4.21 18.86 -5.48
N SER A 258 3.73 18.67 -4.25
CA SER A 258 2.47 19.27 -3.84
C SER A 258 2.52 20.79 -4.01
N VAL A 259 3.64 21.39 -3.62
CA VAL A 259 3.76 22.83 -3.74
C VAL A 259 3.87 23.25 -5.22
N LYS A 260 4.65 22.51 -6.00
CA LYS A 260 4.82 22.84 -7.41
C LYS A 260 3.52 22.74 -8.20
N GLU A 261 2.66 21.82 -7.82
CA GLU A 261 1.44 21.55 -8.58
C GLU A 261 0.19 22.09 -7.89
N CYS A 262 0.38 22.74 -6.74
CA CYS A 262 -0.71 23.34 -5.96
C CYS A 262 -1.78 22.32 -5.54
N TRP A 263 -1.37 21.15 -5.06
CA TRP A 263 -2.33 20.19 -4.54
C TRP A 263 -3.05 20.77 -3.31
N LYS A 264 -4.33 20.45 -3.16
CA LYS A 264 -5.12 21.00 -2.05
C LYS A 264 -5.29 20.02 -0.88
N GLY A 265 -5.21 18.73 -1.16
CA GLY A 265 -5.58 17.75 -0.16
C GLY A 265 -4.44 17.16 0.65
N GLY A 266 -4.68 15.98 1.20
CA GLY A 266 -3.68 15.28 1.99
C GLY A 266 -4.10 13.84 2.11
N SER A 267 -3.42 13.11 2.96
CA SER A 267 -3.75 11.70 3.16
C SER A 267 -3.39 11.27 4.57
N THR A 268 -4.14 10.33 5.11
CA THR A 268 -3.65 9.64 6.30
C THR A 268 -2.59 8.64 5.84
N ALA A 269 -1.90 8.07 6.82
CA ALA A 269 -1.05 6.90 6.57
C ALA A 269 -1.13 5.98 7.78
N VAL A 270 -1.20 4.68 7.51
CA VAL A 270 -0.88 3.73 8.54
C VAL A 270 0.01 2.69 7.88
N CYS A 271 1.19 2.47 8.46
CA CYS A 271 2.19 1.62 7.82
C CYS A 271 2.73 0.64 8.84
N CYS A 272 3.07 -0.56 8.40
CA CYS A 272 3.67 -1.51 9.31
CA CYS A 272 3.61 -1.58 9.27
C CYS A 272 4.81 -2.25 8.63
N ALA A 273 5.90 -2.40 9.38
CA ALA A 273 7.05 -3.13 8.89
C ALA A 273 7.19 -4.36 9.78
N ILE A 274 7.29 -5.54 9.18
CA ILE A 274 7.32 -6.76 9.96
C ILE A 274 8.64 -7.50 9.74
N ASP A 275 9.39 -7.66 10.83
CA ASP A 275 10.67 -8.40 10.81
C ASP A 275 10.46 -9.73 11.50
N MET A 276 10.15 -10.77 10.72
CA MET A 276 9.81 -12.07 11.30
C MET A 276 11.00 -12.72 11.98
N ASP A 277 12.19 -12.46 11.47
CA ASP A 277 13.40 -13.02 12.09
C ASP A 277 13.60 -12.49 13.53
N GLN A 278 13.52 -11.17 13.70
CA GLN A 278 13.72 -10.59 15.02
C GLN A 278 12.47 -10.66 15.90
N LYS A 279 11.36 -11.09 15.31
CA LYS A 279 10.07 -11.11 16.01
C LYS A 279 9.69 -9.73 16.50
N LEU A 280 9.78 -8.77 15.59
CA LEU A 280 9.45 -7.39 15.88
C LEU A 280 8.64 -6.81 14.73
N MET A 281 7.70 -5.96 15.08
CA MET A 281 6.88 -5.28 14.08
C MET A 281 6.78 -3.81 14.46
N ALA A 282 7.01 -2.93 13.50
CA ALA A 282 6.89 -1.49 13.77
C ALA A 282 5.67 -0.94 13.07
N LEU A 283 5.00 0.03 13.70
CA LEU A 283 3.92 0.75 13.02
C LEU A 283 4.21 2.23 13.07
N ALA A 284 3.81 2.94 12.01
CA ALA A 284 3.88 4.39 12.00
C ALA A 284 2.57 4.87 11.42
N TRP A 285 2.02 5.97 11.95
CA TRP A 285 0.74 6.44 11.44
C TRP A 285 0.60 7.96 11.57
N LEU A 286 -0.18 8.51 10.63
CA LEU A 286 -0.61 9.89 10.64
C LEU A 286 -2.10 9.86 10.32
N GLY A 287 -2.95 10.32 11.25
CA GLY A 287 -4.37 10.36 10.95
C GLY A 287 -5.14 9.25 11.67
N ASP A 288 -6.27 8.87 11.09
CA ASP A 288 -7.25 8.00 11.73
C ASP A 288 -7.50 6.68 11.03
N SER A 289 -6.54 6.23 10.23
CA SER A 289 -6.64 4.91 9.65
C SER A 289 -6.00 3.96 10.65
N PRO A 290 -6.76 2.97 11.16
CA PRO A 290 -6.28 2.16 12.29
C PRO A 290 -5.47 0.92 11.87
N GLY A 291 -4.67 0.42 12.82
CA GLY A 291 -3.94 -0.85 12.63
C GLY A 291 -4.21 -1.74 13.83
N TYR A 292 -4.27 -3.05 13.60
CA TYR A 292 -4.63 -4.02 14.64
C TYR A 292 -3.76 -5.25 14.53
N VAL A 293 -3.58 -5.98 15.64
CA VAL A 293 -3.01 -7.31 15.58
C VAL A 293 -4.07 -8.30 16.06
N MET A 294 -4.20 -9.42 15.36
CA MET A 294 -5.14 -10.44 15.82
C MET A 294 -4.37 -11.54 16.52
N SER A 295 -4.76 -11.83 17.76
CA SER A 295 -4.21 -12.95 18.49
C SER A 295 -5.19 -14.11 18.41
N ASN A 296 -4.95 -15.16 19.19
CA ASN A 296 -5.87 -16.28 19.22
C ASN A 296 -7.26 -15.90 19.76
N ILE A 297 -7.35 -14.83 20.54
CA ILE A 297 -8.62 -14.52 21.19
C ILE A 297 -9.32 -13.24 20.75
N GLU A 298 -8.56 -12.27 20.22
CA GLU A 298 -9.16 -10.97 19.90
C GLU A 298 -8.29 -10.20 18.92
N PHE A 299 -8.91 -9.18 18.31
CA PHE A 299 -8.15 -8.13 17.63
C PHE A 299 -7.82 -7.07 18.66
N ARG A 300 -6.61 -6.53 18.61
CA ARG A 300 -6.24 -5.44 19.49
C ARG A 300 -5.72 -4.27 18.67
N GLN A 301 -6.28 -3.09 18.90
CA GLN A 301 -5.87 -1.90 18.15
C GLN A 301 -4.51 -1.40 18.66
N LEU A 302 -3.60 -1.12 17.72
CA LEU A 302 -2.23 -0.72 18.07
C LEU A 302 -2.02 0.79 17.88
N THR A 303 -2.90 1.40 17.12
CA THR A 303 -2.77 2.80 16.75
C THR A 303 -3.64 3.68 17.63
N ARG A 304 -3.32 4.98 17.65
CA ARG A 304 -4.04 5.94 18.47
C ARG A 304 -4.44 7.05 17.51
N GLY A 305 -5.74 7.16 17.23
CA GLY A 305 -6.19 8.05 16.17
C GLY A 305 -5.87 9.52 16.40
N HIS A 306 -5.41 10.20 15.35
CA HIS A 306 -5.13 11.63 15.43
C HIS A 306 -6.38 12.43 15.08
N SER A 307 -7.30 12.47 16.04
CA SER A 307 -8.55 13.17 15.90
C SER A 307 -8.61 14.25 16.96
N PRO A 308 -9.29 15.36 16.63
CA PRO A 308 -9.38 16.51 17.53
C PRO A 308 -10.02 16.18 18.89
N SER A 309 -10.73 15.06 18.99
CA SER A 309 -11.35 14.69 20.27
C SER A 309 -10.33 14.19 21.28
N ASP A 310 -9.16 13.78 20.78
CA ASP A 310 -8.04 13.36 21.63
C ASP A 310 -7.42 14.61 22.23
N GLU A 311 -7.46 14.72 23.56
CA GLU A 311 -6.97 15.92 24.25
C GLU A 311 -5.54 16.27 23.87
N ARG A 312 -4.69 15.25 23.70
CA ARG A 312 -3.30 15.48 23.30
C ARG A 312 -3.22 16.20 21.97
N GLU A 313 -4.01 15.76 21.00
CA GLU A 313 -4.01 16.36 19.68
C GLU A 313 -4.61 17.76 19.68
N ALA A 314 -5.68 17.94 20.45
CA ALA A 314 -6.28 19.27 20.58
C ALA A 314 -5.26 20.30 21.06
N ARG A 315 -4.41 19.91 22.03
CA ARG A 315 -3.39 20.81 22.53
C ARG A 315 -2.34 21.14 21.47
N ARG A 316 -1.98 20.15 20.66
CA ARG A 316 -1.02 20.36 19.58
C ARG A 316 -1.59 21.36 18.56
N VAL A 317 -2.86 21.19 18.22
CA VAL A 317 -3.51 22.10 17.29
C VAL A 317 -3.57 23.53 17.84
N GLU A 318 -3.94 23.67 19.11
CA GLU A 318 -4.06 25.00 19.70
C GLU A 318 -2.68 25.67 19.78
N GLU A 319 -1.67 24.92 20.16
CA GLU A 319 -0.30 25.42 20.24
C GLU A 319 0.23 25.83 18.87
N ALA A 320 -0.28 25.21 17.81
CA ALA A 320 0.09 25.55 16.44
C ALA A 320 -0.73 26.71 15.87
N GLY A 321 -1.66 27.23 16.66
CA GLY A 321 -2.46 28.38 16.24
C GLY A 321 -3.80 28.04 15.61
N GLY A 322 -4.16 26.77 15.60
CA GLY A 322 -5.43 26.36 15.03
C GLY A 322 -6.56 26.49 16.03
N GLN A 323 -7.78 26.35 15.55
CA GLN A 323 -8.97 26.32 16.41
C GLN A 323 -9.79 25.10 16.07
N LEU A 324 -10.57 24.63 17.03
CA LEU A 324 -11.43 23.48 16.81
C LEU A 324 -12.88 23.92 16.89
N PHE A 325 -13.63 23.69 15.81
CA PHE A 325 -15.04 24.06 15.77
C PHE A 325 -15.88 22.83 15.47
N VAL A 326 -17.04 22.73 16.11
CA VAL A 326 -17.99 21.70 15.73
C VAL A 326 -18.80 22.18 14.52
N ILE A 327 -18.45 21.66 13.35
CA ILE A 327 -19.18 22.00 12.14
C ILE A 327 -19.74 20.74 11.51
N GLY A 328 -21.06 20.71 11.41
CA GLY A 328 -21.78 19.51 11.04
C GLY A 328 -22.06 18.72 12.30
N GLY A 329 -21.45 17.54 12.41
CA GLY A 329 -21.67 16.69 13.57
C GLY A 329 -20.40 16.35 14.32
N GLU A 330 -19.29 16.94 13.90
CA GLU A 330 -18.01 16.63 14.55
C GLU A 330 -17.01 17.78 14.64
N LEU A 331 -16.02 17.61 15.51
CA LEU A 331 -15.00 18.60 15.78
C LEU A 331 -13.99 18.66 14.63
N ARG A 332 -13.77 19.85 14.07
CA ARG A 332 -12.87 19.99 12.94
C ARG A 332 -11.85 21.11 13.13
N VAL A 333 -10.64 20.88 12.64
CA VAL A 333 -9.57 21.87 12.72
C VAL A 333 -9.89 23.01 11.74
N ASN A 334 -10.02 24.21 12.28
CA ASN A 334 -10.43 25.38 11.52
C ASN A 334 -11.68 25.10 10.68
N GLY A 335 -12.53 24.21 11.18
CA GLY A 335 -13.79 23.90 10.52
C GLY A 335 -13.69 23.08 9.25
N VAL A 336 -12.50 22.55 8.96
CA VAL A 336 -12.32 21.78 7.73
C VAL A 336 -12.02 20.30 7.95
N LEU A 337 -10.91 20.01 8.63
CA LEU A 337 -10.43 18.64 8.71
C LEU A 337 -10.72 17.98 10.06
N ASN A 338 -11.24 16.76 10.03
CA ASN A 338 -11.50 16.02 11.25
C ASN A 338 -10.26 15.20 11.68
N LEU A 339 -9.08 15.64 11.26
CA LEU A 339 -7.81 14.99 11.57
C LEU A 339 -6.84 16.03 12.09
N THR A 340 -5.86 15.61 12.89
CA THR A 340 -4.86 16.55 13.39
C THR A 340 -3.46 16.30 12.82
N ARG A 341 -3.28 15.16 12.17
CA ARG A 341 -2.03 14.84 11.48
C ARG A 341 -2.33 14.22 10.13
N ALA A 342 -1.45 14.44 9.16
CA ALA A 342 -1.63 13.86 7.83
C ALA A 342 -0.35 13.95 7.02
N LEU A 343 -0.23 13.11 6.00
CA LEU A 343 0.72 13.33 4.91
C LEU A 343 0.16 14.41 4.00
N GLY A 344 1.03 15.21 3.40
CA GLY A 344 0.55 16.31 2.57
C GLY A 344 -0.17 17.34 3.41
N ASP A 345 -1.33 17.79 2.95
CA ASP A 345 -2.01 18.89 3.64
C ASP A 345 -1.06 20.04 3.89
N VAL A 346 -0.19 20.33 2.92
CA VAL A 346 0.77 21.42 3.11
C VAL A 346 0.09 22.74 3.48
N PRO A 347 -1.04 23.04 2.81
CA PRO A 347 -1.75 24.28 3.13
C PRO A 347 -2.21 24.33 4.59
N GLY A 348 -2.39 23.17 5.20
CA GLY A 348 -2.90 23.08 6.55
C GLY A 348 -1.84 23.13 7.64
N ARG A 349 -0.58 23.16 7.25
CA ARG A 349 0.51 23.23 8.22
C ARG A 349 0.68 24.67 8.67
N PRO A 350 1.00 24.89 9.97
CA PRO A 350 1.33 23.88 10.98
C PRO A 350 0.16 23.33 11.78
N MET A 351 -1.05 23.85 11.56
CA MET A 351 -2.22 23.37 12.32
C MET A 351 -2.36 21.86 12.20
N ILE A 352 -2.13 21.34 10.99
CA ILE A 352 -2.07 19.89 10.76
C ILE A 352 -0.60 19.48 10.77
N SER A 353 -0.26 18.52 11.63
CA SER A 353 1.12 18.09 11.79
C SER A 353 1.48 16.99 10.79
N ASN A 354 2.73 16.96 10.34
CA ASN A 354 3.19 15.85 9.50
C ASN A 354 4.14 14.92 10.25
N GLU A 355 4.07 14.94 11.57
CA GLU A 355 4.97 14.13 12.42
C GLU A 355 4.34 12.79 12.71
N PRO A 356 4.96 11.68 12.24
CA PRO A 356 4.31 10.39 12.48
C PRO A 356 4.34 10.00 13.95
N GLU A 357 3.33 9.25 14.38
CA GLU A 357 3.40 8.58 15.67
C GLU A 357 3.81 7.16 15.38
N THR A 358 4.61 6.57 16.27
CA THR A 358 5.11 5.23 16.00
C THR A 358 5.04 4.33 17.21
N CYS A 359 5.14 3.03 16.95
CA CYS A 359 5.37 2.09 18.02
C CYS A 359 6.10 0.90 17.47
N GLN A 360 6.64 0.10 18.36
CA GLN A 360 7.25 -1.17 17.99
C GLN A 360 6.71 -2.24 18.92
N VAL A 361 6.31 -3.37 18.35
CA VAL A 361 5.70 -4.42 19.15
CA VAL A 361 5.64 -4.43 19.10
C VAL A 361 6.33 -5.76 18.87
N PRO A 362 6.66 -6.48 19.94
CA PRO A 362 7.23 -7.82 19.78
C PRO A 362 6.15 -8.70 19.20
N ILE A 363 6.54 -9.64 18.35
CA ILE A 363 5.59 -10.58 17.80
C ILE A 363 5.63 -11.85 18.64
N GLU A 364 4.51 -12.21 19.23
CA GLU A 364 4.45 -13.41 20.07
C GLU A 364 3.95 -14.60 19.25
N SER A 365 4.14 -15.81 19.77
CA SER A 365 3.74 -16.98 19.01
C SER A 365 2.23 -17.03 18.81
N SER A 366 1.49 -16.38 19.70
CA SER A 366 0.03 -16.35 19.63
C SER A 366 -0.52 -15.19 18.79
N ASP A 367 0.36 -14.48 18.09
CA ASP A 367 -0.08 -13.44 17.16
C ASP A 367 -0.27 -14.02 15.75
N TYR A 368 -1.44 -13.80 15.16
CA TYR A 368 -1.80 -14.46 13.90
C TYR A 368 -1.75 -13.57 12.67
N LEU A 369 -2.35 -12.39 12.75
CA LEU A 369 -2.28 -11.53 11.60
C LEU A 369 -2.24 -10.09 12.03
N VAL A 370 -1.75 -9.26 11.13
CA VAL A 370 -1.86 -7.81 11.28
C VAL A 370 -2.85 -7.33 10.26
N LEU A 371 -3.69 -6.36 10.64
CA LEU A 371 -4.69 -5.83 9.74
C LEU A 371 -4.64 -4.31 9.82
N LEU A 372 -4.47 -3.68 8.67
CA LEU A 372 -4.53 -2.24 8.58
C LEU A 372 -5.76 -1.87 7.75
N ALA A 373 -6.41 -0.77 8.10
CA ALA A 373 -7.61 -0.40 7.36
C ALA A 373 -7.76 1.11 7.35
N CYS A 374 -8.66 1.62 6.53
CA CYS A 374 -9.05 3.02 6.63
C CYS A 374 -10.23 3.13 7.60
N ASP A 375 -10.60 4.35 7.97
CA ASP A 375 -11.70 4.56 8.87
C ASP A 375 -13.06 4.09 8.32
N GLY A 376 -13.17 3.93 7.01
CA GLY A 376 -14.36 3.38 6.40
C GLY A 376 -14.75 2.01 6.98
N ILE A 377 -13.76 1.25 7.42
CA ILE A 377 -13.97 -0.04 8.07
C ILE A 377 -14.33 0.14 9.55
N SER A 378 -13.53 0.91 10.28
CA SER A 378 -13.76 1.08 11.70
C SER A 378 -15.00 1.93 12.03
N ASP A 379 -15.53 2.64 11.03
CA ASP A 379 -16.80 3.35 11.19
C ASP A 379 -17.94 2.36 11.50
N VAL A 380 -17.81 1.13 11.01
CA VAL A 380 -18.90 0.16 11.19
C VAL A 380 -18.51 -1.07 11.98
N PHE A 381 -17.22 -1.40 12.01
CA PHE A 381 -16.78 -2.61 12.72
C PHE A 381 -15.86 -2.26 13.89
N ASN A 382 -16.15 -2.84 15.04
CA ASN A 382 -15.20 -2.80 16.16
C ASN A 382 -14.31 -4.04 16.15
N GLU A 383 -13.48 -4.18 17.17
CA GLU A 383 -12.50 -5.25 17.19
C GLU A 383 -13.16 -6.63 17.21
N ARG A 384 -14.22 -6.76 17.98
CA ARG A 384 -14.96 -8.02 18.04
C ARG A 384 -15.61 -8.34 16.70
N ASP A 385 -16.17 -7.34 16.03
CA ASP A 385 -16.71 -7.53 14.67
C ASP A 385 -15.66 -8.07 13.71
N LEU A 386 -14.47 -7.48 13.73
CA LEU A 386 -13.43 -7.94 12.83
C LEU A 386 -13.05 -9.40 13.11
N TYR A 387 -12.94 -9.76 14.38
CA TYR A 387 -12.59 -11.13 14.74
C TYR A 387 -13.66 -12.07 14.18
N GLN A 388 -14.92 -11.69 14.38
CA GLN A 388 -16.02 -12.53 13.91
C GLN A 388 -16.08 -12.63 12.39
N LEU A 389 -15.64 -11.59 11.68
CA LEU A 389 -15.59 -11.62 10.23
C LEU A 389 -14.54 -12.60 9.74
N VAL A 390 -13.37 -12.62 10.38
CA VAL A 390 -12.30 -13.56 10.03
C VAL A 390 -12.79 -14.97 10.33
N GLU A 391 -13.45 -15.10 11.46
CA GLU A 391 -13.99 -16.39 11.87
C GLU A 391 -15.01 -16.90 10.83
N ALA A 392 -15.90 -16.03 10.39
CA ALA A 392 -16.90 -16.41 9.41
C ALA A 392 -16.26 -16.82 8.08
N PHE A 393 -15.29 -16.03 7.63
CA PHE A 393 -14.65 -16.31 6.36
C PHE A 393 -13.97 -17.66 6.39
N ALA A 394 -13.24 -17.93 7.46
CA ALA A 394 -12.46 -19.16 7.56
C ALA A 394 -13.34 -20.39 7.66
N ASN A 395 -14.59 -20.20 8.05
CA ASN A 395 -15.53 -21.32 8.14
C ASN A 395 -16.38 -21.51 6.89
N ASP A 396 -16.42 -20.49 6.04
CA ASP A 396 -17.25 -20.52 4.84
C ASP A 396 -16.46 -20.77 3.58
N TYR A 397 -15.18 -20.42 3.59
CA TYR A 397 -14.32 -20.56 2.41
C TYR A 397 -13.07 -21.36 2.74
N PRO A 398 -12.55 -22.10 1.76
CA PRO A 398 -11.35 -22.91 1.99
C PRO A 398 -10.09 -22.04 2.06
N VAL A 399 -9.04 -22.58 2.66
CA VAL A 399 -7.83 -21.81 2.92
C VAL A 399 -7.18 -21.32 1.62
N GLU A 400 -7.44 -22.02 0.52
CA GLU A 400 -6.91 -21.61 -0.77
C GLU A 400 -7.44 -20.25 -1.21
N ASP A 401 -8.52 -19.80 -0.58
CA ASP A 401 -9.12 -18.50 -0.91
C ASP A 401 -8.71 -17.39 0.06
N TYR A 402 -7.67 -17.62 0.86
CA TYR A 402 -7.27 -16.65 1.89
C TYR A 402 -7.04 -15.26 1.30
N ALA A 403 -6.59 -15.18 0.05
CA ALA A 403 -6.25 -13.87 -0.52
C ALA A 403 -7.49 -12.98 -0.64
N GLU A 404 -8.67 -13.58 -0.59
CA GLU A 404 -9.92 -12.84 -0.76
C GLU A 404 -10.47 -12.28 0.56
N LEU A 405 -9.80 -12.54 1.67
CA LEU A 405 -10.27 -12.08 2.97
C LEU A 405 -10.40 -10.55 3.07
N SER A 406 -9.44 -9.81 2.56
CA SER A 406 -9.53 -8.34 2.65
C SER A 406 -10.74 -7.79 1.89
N ARG A 407 -10.97 -8.30 0.68
CA ARG A 407 -12.14 -7.88 -0.09
C ARG A 407 -13.46 -8.26 0.63
N PHE A 408 -13.46 -9.42 1.28
CA PHE A 408 -14.61 -9.86 2.06
C PHE A 408 -14.96 -8.83 3.14
N ILE A 409 -13.96 -8.38 3.89
CA ILE A 409 -14.20 -7.42 4.95
C ILE A 409 -14.69 -6.08 4.36
N CYS A 410 -14.10 -5.68 3.23
CA CYS A 410 -14.55 -4.44 2.55
C CYS A 410 -16.01 -4.54 2.13
N THR A 411 -16.35 -5.64 1.49
CA THR A 411 -17.72 -5.88 1.05
C THR A 411 -18.70 -5.89 2.21
N LYS A 412 -18.33 -6.56 3.29
CA LYS A 412 -19.17 -6.57 4.50
C LYS A 412 -19.34 -5.17 5.11
N ALA A 413 -18.30 -4.35 5.04
CA ALA A 413 -18.38 -3.00 5.59
C ALA A 413 -19.39 -2.15 4.83
N ILE A 414 -19.41 -2.27 3.51
CA ILE A 414 -20.38 -1.56 2.71
C ILE A 414 -21.79 -2.08 3.01
N GLU A 415 -21.93 -3.40 3.13
CA GLU A 415 -23.24 -3.96 3.50
C GLU A 415 -23.72 -3.45 4.84
N ALA A 416 -22.79 -3.18 5.74
CA ALA A 416 -23.12 -2.69 7.08
C ALA A 416 -23.36 -1.19 7.14
N GLY A 417 -23.31 -0.54 5.97
CA GLY A 417 -23.70 0.85 5.87
C GLY A 417 -22.56 1.85 5.84
N SER A 418 -21.32 1.38 5.67
CA SER A 418 -20.22 2.36 5.56
C SER A 418 -20.46 3.25 4.35
N ALA A 419 -20.23 4.54 4.50
CA ALA A 419 -20.49 5.51 3.44
C ALA A 419 -19.19 6.09 2.87
N ASP A 420 -18.08 5.40 3.10
CA ASP A 420 -16.77 5.90 2.70
C ASP A 420 -16.11 4.90 1.74
N ASN A 421 -15.02 5.34 1.10
CA ASN A 421 -14.07 4.39 0.54
C ASN A 421 -13.65 3.39 1.65
N VAL A 422 -13.44 2.12 1.29
CA VAL A 422 -13.00 1.14 2.26
C VAL A 422 -11.80 0.39 1.70
N SER A 423 -10.77 0.21 2.54
CA SER A 423 -9.56 -0.51 2.13
C SER A 423 -9.03 -1.31 3.30
N VAL A 424 -8.54 -2.52 3.01
CA VAL A 424 -8.00 -3.38 4.06
C VAL A 424 -6.77 -4.12 3.52
N VAL A 425 -5.71 -4.13 4.31
CA VAL A 425 -4.54 -4.97 4.05
CA VAL A 425 -4.58 -5.01 4.04
C VAL A 425 -4.29 -5.89 5.25
N ILE A 426 -3.94 -7.14 4.97
CA ILE A 426 -3.70 -8.13 6.04
C ILE A 426 -2.39 -8.81 5.78
N GLY A 427 -1.58 -8.94 6.82
CA GLY A 427 -0.36 -9.73 6.77
C GLY A 427 -0.50 -10.93 7.67
N PHE A 428 -0.20 -12.11 7.14
CA PHE A 428 -0.33 -13.34 7.91
C PHE A 428 0.97 -13.65 8.66
N LEU A 429 1.02 -13.24 9.92
CA LEU A 429 2.18 -13.51 10.77
C LEU A 429 2.34 -15.00 10.97
N ARG A 430 1.22 -15.69 11.11
CA ARG A 430 1.18 -17.15 11.01
C ARG A 430 0.46 -17.50 9.73
N PRO A 431 0.85 -18.61 9.09
CA PRO A 431 0.32 -18.97 7.77
C PRO A 431 -1.19 -19.10 7.77
N PRO A 432 -1.83 -18.92 6.60
CA PRO A 432 -3.28 -19.07 6.49
C PRO A 432 -3.79 -20.38 7.11
N GLN A 433 -3.03 -21.46 6.93
CA GLN A 433 -3.39 -22.74 7.53
C GLN A 433 -3.61 -22.64 9.04
N ASP A 434 -2.77 -21.84 9.71
CA ASP A 434 -2.86 -21.68 11.17
C ASP A 434 -4.13 -20.93 11.56
N VAL A 435 -4.44 -19.89 10.79
CA VAL A 435 -5.63 -19.10 11.02
C VAL A 435 -6.89 -19.94 10.82
N TRP A 436 -6.92 -20.74 9.76
CA TRP A 436 -8.08 -21.59 9.50
C TRP A 436 -8.23 -22.63 10.62
N LYS A 437 -7.11 -23.19 11.06
CA LYS A 437 -7.12 -24.14 12.17
C LYS A 437 -7.63 -23.47 13.45
N LEU A 438 -7.17 -22.25 13.70
CA LEU A 438 -7.62 -21.49 14.86
C LEU A 438 -9.13 -21.30 14.86
N MET A 439 -9.66 -20.90 13.71
CA MET A 439 -11.05 -20.47 13.59
C MET A 439 -12.05 -21.60 13.39
N LYS A 440 -11.57 -22.76 12.95
CA LYS A 440 -12.46 -23.86 12.60
C LYS A 440 -13.44 -24.25 13.72
N HIS A 441 -14.73 -24.18 13.40
CA HIS A 441 -15.78 -24.54 14.36
C HIS A 441 -15.70 -26.01 14.74
MG MG B . -11.94 7.56 5.00
MG MG C . -10.67 9.75 2.22
#